data_2KXZ
#
_entry.id   2KXZ
#
_entity_poly.entity_id   1
_entity_poly.type   'polyribonucleotide'
_entity_poly.pdbx_seq_one_letter_code
;GACAAGUGUCA
;
_entity_poly.pdbx_strand_id   A,B
#
loop_
_chem_comp.id
_chem_comp.type
_chem_comp.name
_chem_comp.formula
A RNA linking ADENOSINE-5'-MONOPHOSPHATE 'C10 H14 N5 O7 P'
C RNA linking CYTIDINE-5'-MONOPHOSPHATE 'C9 H14 N3 O8 P'
G RNA linking GUANOSINE-5'-MONOPHOSPHATE 'C10 H14 N5 O8 P'
U RNA linking URIDINE-5'-MONOPHOSPHATE 'C9 H13 N2 O9 P'
#